data_7WN1
#
_entry.id   7WN1
#
_cell.length_a   1.00
_cell.length_b   1.00
_cell.length_c   1.00
_cell.angle_alpha   90.00
_cell.angle_beta   90.00
_cell.angle_gamma   90.00
#
_symmetry.space_group_name_H-M   'P 1'
#
loop_
_entity.id
_entity.type
_entity.pdbx_description
1 polymer 'Equilibrative nucleoside/nucleobase transporter'
2 polymer nanobody48
3 non-polymer INOSINE
#
loop_
_entity_poly.entity_id
_entity_poly.type
_entity_poly.pdbx_seq_one_letter_code
_entity_poly.pdbx_strand_id
1 'polypeptide(L)'
;MSTGKESSKAYADIESRGDYKDDGKKGSTLSSKQHFMLSLTFILIGLSSLNVWNTALGLNINFKYNTFQITGLVCSSIVA
LFVEIPKIMLPFLLGGLSILCAGFQISHSFFTDTQFDTYCLVAFIVIGVVAGLAQTIAFNIGSTMEDNMGGYMSAGIGIS
GVFIFVINLLLDQFVSPEKHYGVNKAKLLALYIICELCLILAIVFCVCNLDLTNKNNKKDEENKENNATLSYMELFKDSY
KAILTMFLVNWLTLQLFPGVGHKKWQESHNISDYNVTIIVGMFQVFDFLSRYPPNLTHIKIFKNFTFSLNKLLVANSLRL
LFIPWFILNACVDHPFFKNIVQQCVCMAMLAFTNGWFNTVPFLVFVKELKKAKKKKEIEIISTFLVIAMFVGLFCGIWTT
YIYNLFNIVLPKPDLPPIDVTQ
;
A
2 'polypeptide(L)'
;QVQLVESGGGLVQPGGSLRLSCAASGFTGSINYMGWYRQAPGKQRELVARFSSGGSTNYADSVKGRFTISGDNAKNTVYL
QMNSLKPEDTAVYYCNAETISYVYTVVFQDYWGQGTQVTVSS
;
C
#
# COMPACT_ATOMS: atom_id res chain seq x y z
N LEU A 30 -17.37 -2.97 20.27
CA LEU A 30 -17.35 -3.04 18.82
C LEU A 30 -17.93 -4.36 18.32
N SER A 31 -19.25 -4.40 18.13
CA SER A 31 -19.92 -5.60 17.69
C SER A 31 -19.79 -5.75 16.18
N SER A 32 -20.54 -6.70 15.61
CA SER A 32 -20.43 -6.98 14.18
C SER A 32 -20.96 -5.82 13.34
N LYS A 33 -22.05 -5.20 13.77
CA LYS A 33 -22.64 -4.11 12.98
C LYS A 33 -21.69 -2.93 12.89
N GLN A 34 -21.12 -2.50 14.01
CA GLN A 34 -20.20 -1.37 14.00
C GLN A 34 -18.93 -1.70 13.24
N HIS A 35 -18.43 -2.93 13.39
CA HIS A 35 -17.24 -3.33 12.63
C HIS A 35 -17.50 -3.29 11.13
N PHE A 36 -18.65 -3.81 10.70
CA PHE A 36 -18.99 -3.78 9.27
C PHE A 36 -19.13 -2.35 8.79
N MET A 37 -19.80 -1.50 9.56
CA MET A 37 -19.97 -0.10 9.17
C MET A 37 -18.62 0.60 9.03
N LEU A 38 -17.71 0.37 9.97
CA LEU A 38 -16.42 1.04 9.94
C LEU A 38 -15.55 0.54 8.79
N SER A 39 -15.58 -0.78 8.53
CA SER A 39 -14.83 -1.31 7.40
C SER A 39 -15.36 -0.76 6.09
N LEU A 40 -16.70 -0.70 5.95
CA LEU A 40 -17.29 -0.11 4.75
C LEU A 40 -16.90 1.35 4.62
N THR A 41 -16.86 2.08 5.74
CA THR A 41 -16.48 3.49 5.71
C THR A 41 -15.06 3.65 5.20
N PHE A 42 -14.13 2.82 5.68
CA PHE A 42 -12.75 2.93 5.22
C PHE A 42 -12.62 2.56 3.75
N ILE A 43 -13.35 1.52 3.32
CA ILE A 43 -13.35 1.16 1.90
C ILE A 43 -13.82 2.33 1.06
N LEU A 44 -14.90 2.99 1.50
CA LEU A 44 -15.42 4.14 0.77
C LEU A 44 -14.44 5.30 0.78
N ILE A 45 -13.75 5.51 1.90
CA ILE A 45 -12.73 6.57 1.95
C ILE A 45 -11.68 6.35 0.87
N GLY A 46 -11.14 5.13 0.81
CA GLY A 46 -10.12 4.85 -0.19
C GLY A 46 -10.65 4.99 -1.61
N LEU A 47 -11.84 4.44 -1.86
CA LEU A 47 -12.41 4.47 -3.21
C LEU A 47 -12.66 5.91 -3.66
N SER A 48 -13.27 6.72 -2.80
CA SER A 48 -13.53 8.11 -3.15
C SER A 48 -12.24 8.90 -3.33
N SER A 49 -11.24 8.62 -2.51
CA SER A 49 -9.98 9.34 -2.63
C SER A 49 -9.29 9.04 -3.96
N LEU A 50 -9.30 7.78 -4.40
CA LEU A 50 -8.58 7.44 -5.62
C LEU A 50 -9.44 7.52 -6.88
N ASN A 51 -10.75 7.75 -6.76
CA ASN A 51 -11.57 7.88 -7.96
C ASN A 51 -11.13 9.02 -8.84
N VAL A 52 -10.65 10.13 -8.25
CA VAL A 52 -10.26 11.28 -9.05
C VAL A 52 -9.05 10.95 -9.91
N TRP A 53 -8.03 10.32 -9.32
CA TRP A 53 -6.85 9.92 -10.08
C TRP A 53 -7.22 8.89 -11.13
N ASN A 54 -8.08 7.94 -10.78
CA ASN A 54 -8.46 6.89 -11.72
C ASN A 54 -9.22 7.46 -12.91
N THR A 55 -10.11 8.43 -12.67
CA THR A 55 -10.87 9.00 -13.77
C THR A 55 -10.02 10.00 -14.57
N ALA A 56 -9.02 10.61 -13.95
CA ALA A 56 -8.06 11.40 -14.73
C ALA A 56 -7.27 10.52 -15.67
N LEU A 57 -6.86 9.33 -15.20
CA LEU A 57 -6.18 8.39 -16.09
C LEU A 57 -7.12 7.87 -17.18
N GLY A 58 -8.35 7.54 -16.82
CA GLY A 58 -9.25 6.94 -17.77
C GLY A 58 -9.65 7.86 -18.90
N LEU A 59 -9.83 9.15 -18.61
CA LEU A 59 -10.31 10.11 -19.58
C LEU A 59 -9.24 10.54 -20.58
N ASN A 60 -8.05 9.96 -20.51
CA ASN A 60 -6.93 10.37 -21.36
C ASN A 60 -6.67 11.86 -21.18
N ILE A 61 -6.75 12.34 -19.94
CA ILE A 61 -6.46 13.73 -19.65
C ILE A 61 -5.02 14.05 -20.02
N ASN A 62 -4.77 15.30 -20.42
CA ASN A 62 -3.44 15.73 -20.82
C ASN A 62 -2.40 15.34 -19.78
N PHE A 63 -1.20 15.01 -20.25
CA PHE A 63 -0.18 14.45 -19.37
C PHE A 63 0.27 15.41 -18.29
N LYS A 64 0.38 16.70 -18.63
CA LYS A 64 0.86 17.67 -17.63
C LYS A 64 -0.07 17.76 -16.44
N TYR A 65 -1.37 17.54 -16.65
CA TYR A 65 -2.30 17.54 -15.52
C TYR A 65 -2.04 16.36 -14.59
N ASN A 66 -1.78 15.18 -15.15
CA ASN A 66 -1.41 14.03 -14.33
C ASN A 66 -0.12 14.29 -13.58
N THR A 67 0.85 14.92 -14.25
CA THR A 67 2.12 15.26 -13.60
C THR A 67 1.89 16.21 -12.43
N PHE A 68 1.07 17.23 -12.63
CA PHE A 68 0.76 18.16 -11.55
C PHE A 68 0.06 17.47 -10.39
N GLN A 69 -0.89 16.58 -10.70
CA GLN A 69 -1.59 15.87 -9.64
C GLN A 69 -0.63 15.00 -8.82
N ILE A 70 0.26 14.29 -9.51
CA ILE A 70 1.22 13.45 -8.80
C ILE A 70 2.17 14.30 -7.95
N THR A 71 2.62 15.43 -8.49
CA THR A 71 3.49 16.32 -7.73
C THR A 71 2.81 16.81 -6.46
N GLY A 72 1.58 17.29 -6.59
CA GLY A 72 0.85 17.76 -5.42
C GLY A 72 0.62 16.64 -4.41
N LEU A 73 0.28 15.44 -4.90
CA LEU A 73 0.03 14.32 -4.01
C LEU A 73 1.27 13.96 -3.21
N VAL A 74 2.41 13.82 -3.89
CA VAL A 74 3.62 13.41 -3.18
C VAL A 74 4.07 14.49 -2.23
N CYS A 75 4.00 15.77 -2.64
CA CYS A 75 4.39 16.84 -1.74
C CYS A 75 3.54 16.87 -0.48
N SER A 76 2.21 16.79 -0.66
CA SER A 76 1.32 16.83 0.49
C SER A 76 1.52 15.63 1.40
N SER A 77 1.69 14.44 0.82
CA SER A 77 1.89 13.25 1.65
C SER A 77 3.18 13.33 2.45
N ILE A 78 4.28 13.72 1.81
CA ILE A 78 5.55 13.80 2.51
C ILE A 78 5.51 14.88 3.59
N VAL A 79 4.83 15.99 3.32
CA VAL A 79 4.71 17.04 4.34
C VAL A 79 3.86 16.55 5.50
N ALA A 80 2.75 15.88 5.21
CA ALA A 80 1.83 15.44 6.25
C ALA A 80 2.35 14.25 7.05
N LEU A 81 3.37 13.55 6.56
CA LEU A 81 3.97 12.49 7.37
C LEU A 81 4.58 13.04 8.64
N PHE A 82 5.23 14.20 8.58
CA PHE A 82 5.90 14.78 9.73
C PHE A 82 5.05 15.78 10.51
N VAL A 83 3.85 16.09 10.04
CA VAL A 83 2.96 17.04 10.70
C VAL A 83 1.65 16.34 11.01
N GLU A 84 1.23 16.39 12.28
CA GLU A 84 -0.02 15.78 12.70
C GLU A 84 -1.15 16.77 12.44
N ILE A 85 -1.68 16.75 11.24
CA ILE A 85 -2.81 17.62 10.90
C ILE A 85 -4.08 17.09 11.55
N PRO A 86 -4.99 17.94 12.01
CA PRO A 86 -6.17 17.45 12.73
C PRO A 86 -7.04 16.56 11.85
N LYS A 87 -7.67 15.58 12.49
CA LYS A 87 -8.51 14.61 11.80
C LYS A 87 -9.93 15.08 11.61
N ILE A 88 -10.27 16.29 12.07
CA ILE A 88 -11.58 16.86 11.79
C ILE A 88 -11.66 17.44 10.39
N MET A 89 -10.53 17.61 9.70
CA MET A 89 -10.51 18.21 8.38
C MET A 89 -10.82 17.23 7.26
N LEU A 90 -10.97 15.94 7.57
CA LEU A 90 -11.22 14.95 6.52
C LEU A 90 -12.51 15.20 5.75
N PRO A 91 -13.67 15.42 6.39
CA PRO A 91 -14.86 15.76 5.59
C PRO A 91 -14.69 17.04 4.79
N PHE A 92 -13.97 18.02 5.33
CA PHE A 92 -13.74 19.26 4.59
C PHE A 92 -12.88 19.02 3.36
N LEU A 93 -11.85 18.19 3.48
CA LEU A 93 -11.02 17.86 2.32
C LEU A 93 -11.82 17.11 1.27
N LEU A 94 -12.66 16.16 1.70
CA LEU A 94 -13.48 15.45 0.74
C LEU A 94 -14.45 16.39 0.04
N GLY A 95 -15.11 17.29 0.79
CA GLY A 95 -15.98 18.27 0.18
C GLY A 95 -15.25 19.17 -0.81
N GLY A 96 -14.01 19.53 -0.49
CA GLY A 96 -13.20 20.28 -1.43
C GLY A 96 -12.96 19.52 -2.72
N LEU A 97 -12.68 18.22 -2.60
CA LEU A 97 -12.52 17.38 -3.80
C LEU A 97 -13.81 17.35 -4.62
N SER A 98 -14.96 17.25 -3.93
CA SER A 98 -16.24 17.20 -4.64
C SER A 98 -16.51 18.49 -5.39
N ILE A 99 -16.27 19.63 -4.74
CA ILE A 99 -16.52 20.90 -5.42
C ILE A 99 -15.50 21.11 -6.53
N LEU A 100 -14.29 20.55 -6.40
CA LEU A 100 -13.33 20.62 -7.50
C LEU A 100 -13.78 19.80 -8.70
N CYS A 101 -14.38 18.64 -8.46
CA CYS A 101 -14.95 17.86 -9.56
C CYS A 101 -16.10 18.63 -10.22
N ALA A 102 -16.96 19.25 -9.42
CA ALA A 102 -18.02 20.09 -9.97
C ALA A 102 -17.44 21.22 -10.81
N GLY A 103 -16.31 21.79 -10.36
CA GLY A 103 -15.65 22.81 -11.15
C GLY A 103 -15.09 22.29 -12.45
N PHE A 104 -14.55 21.07 -12.44
CA PHE A 104 -14.17 20.40 -13.68
C PHE A 104 -15.33 20.38 -14.66
N GLN A 105 -16.50 19.93 -14.19
CA GLN A 105 -17.65 19.82 -15.08
C GLN A 105 -18.07 21.20 -15.60
N ILE A 106 -18.12 22.19 -14.71
CA ILE A 106 -18.55 23.53 -15.11
C ILE A 106 -17.57 24.13 -16.11
N SER A 107 -16.27 23.99 -15.86
CA SER A 107 -15.27 24.56 -16.75
C SER A 107 -15.30 23.87 -18.11
N HIS A 108 -15.45 22.55 -18.14
CA HIS A 108 -15.56 21.87 -19.42
C HIS A 108 -16.78 22.33 -20.19
N SER A 109 -17.91 22.51 -19.50
CA SER A 109 -19.14 22.85 -20.19
C SER A 109 -19.15 24.29 -20.70
N PHE A 110 -18.73 25.25 -19.86
CA PHE A 110 -19.01 26.66 -20.14
C PHE A 110 -17.77 27.55 -20.26
N PHE A 111 -16.57 26.98 -20.41
CA PHE A 111 -15.36 27.79 -20.48
C PHE A 111 -14.65 27.57 -21.80
N THR A 112 -13.79 28.53 -22.14
CA THR A 112 -13.01 28.49 -23.37
C THR A 112 -11.81 27.57 -23.19
N ASP A 113 -10.88 27.62 -24.15
CA ASP A 113 -9.73 26.73 -24.11
C ASP A 113 -8.76 27.11 -23.00
N THR A 114 -8.30 28.37 -23.00
CA THR A 114 -7.30 28.80 -22.05
C THR A 114 -7.83 28.76 -20.62
N GLN A 115 -9.08 29.18 -20.42
CA GLN A 115 -9.67 29.13 -19.09
C GLN A 115 -9.76 27.69 -18.59
N PHE A 116 -10.19 26.77 -19.45
CA PHE A 116 -10.27 25.37 -19.06
C PHE A 116 -8.90 24.81 -18.71
N ASP A 117 -7.88 25.16 -19.50
CA ASP A 117 -6.54 24.66 -19.23
C ASP A 117 -6.00 25.19 -17.89
N THR A 118 -6.18 26.49 -17.65
CA THR A 118 -5.71 27.09 -16.40
C THR A 118 -6.42 26.46 -15.21
N TYR A 119 -7.75 26.33 -15.29
CA TYR A 119 -8.48 25.73 -14.19
C TYR A 119 -8.06 24.28 -13.99
N CYS A 120 -7.83 23.55 -15.09
CA CYS A 120 -7.43 22.16 -14.96
C CYS A 120 -6.10 22.04 -14.23
N LEU A 121 -5.11 22.85 -14.59
CA LEU A 121 -3.82 22.73 -13.93
C LEU A 121 -3.92 23.09 -12.45
N VAL A 122 -4.57 24.22 -12.13
CA VAL A 122 -4.63 24.61 -10.72
C VAL A 122 -5.46 23.62 -9.92
N ALA A 123 -6.57 23.15 -10.48
CA ALA A 123 -7.44 22.24 -9.77
C ALA A 123 -6.78 20.89 -9.59
N PHE A 124 -5.97 20.44 -10.55
CA PHE A 124 -5.30 19.16 -10.37
C PHE A 124 -4.19 19.26 -9.33
N ILE A 125 -3.49 20.40 -9.26
CA ILE A 125 -2.52 20.58 -8.18
C ILE A 125 -3.21 20.51 -6.82
N VAL A 126 -4.30 21.27 -6.66
CA VAL A 126 -4.95 21.31 -5.36
C VAL A 126 -5.63 19.97 -5.06
N ILE A 127 -6.11 19.25 -6.08
CA ILE A 127 -6.69 17.93 -5.87
C ILE A 127 -5.62 16.96 -5.38
N GLY A 128 -4.43 16.99 -5.98
CA GLY A 128 -3.35 16.15 -5.48
C GLY A 128 -3.06 16.44 -4.02
N VAL A 129 -2.95 17.73 -3.66
CA VAL A 129 -2.64 18.10 -2.29
C VAL A 129 -3.74 17.60 -1.34
N VAL A 130 -5.00 17.86 -1.69
CA VAL A 130 -6.12 17.52 -0.83
C VAL A 130 -6.24 16.01 -0.67
N ALA A 131 -6.08 15.26 -1.77
CA ALA A 131 -6.15 13.81 -1.70
C ALA A 131 -5.03 13.24 -0.84
N GLY A 132 -3.81 13.78 -0.97
CA GLY A 132 -2.74 13.33 -0.10
C GLY A 132 -3.03 13.58 1.37
N LEU A 133 -3.54 14.78 1.69
CA LEU A 133 -3.88 15.08 3.08
C LEU A 133 -4.98 14.17 3.60
N ALA A 134 -6.01 13.93 2.80
CA ALA A 134 -7.11 13.06 3.23
C ALA A 134 -6.64 11.64 3.44
N GLN A 135 -5.80 11.13 2.55
CA GLN A 135 -5.26 9.78 2.72
C GLN A 135 -4.40 9.68 3.97
N THR A 136 -3.60 10.72 4.25
CA THR A 136 -2.80 10.71 5.46
C THR A 136 -3.69 10.70 6.70
N ILE A 137 -4.75 11.50 6.71
CA ILE A 137 -5.67 11.53 7.85
C ILE A 137 -6.31 10.16 8.05
N ALA A 138 -6.77 9.55 6.95
CA ALA A 138 -7.40 8.24 7.06
C ALA A 138 -6.42 7.18 7.53
N PHE A 139 -5.17 7.23 7.06
CA PHE A 139 -4.16 6.28 7.51
C PHE A 139 -3.91 6.43 9.00
N ASN A 140 -3.79 7.68 9.46
CA ASN A 140 -3.55 7.92 10.89
C ASN A 140 -4.73 7.42 11.72
N ILE A 141 -5.96 7.66 11.26
CA ILE A 141 -7.13 7.24 12.02
C ILE A 141 -7.22 5.72 12.08
N GLY A 142 -7.00 5.05 10.95
CA GLY A 142 -7.08 3.61 10.93
C GLY A 142 -5.98 2.93 11.73
N SER A 143 -4.75 3.42 11.61
CA SER A 143 -3.61 2.78 12.28
C SER A 143 -3.75 2.84 13.80
N THR A 144 -4.20 3.99 14.33
CA THR A 144 -4.26 4.16 15.77
C THR A 144 -5.49 3.51 16.36
N MET A 145 -5.70 2.23 16.05
CA MET A 145 -6.81 1.47 16.58
C MET A 145 -6.39 0.01 16.73
N GLU A 146 -7.12 -0.71 17.56
CA GLU A 146 -7.06 -2.17 17.52
C GLU A 146 -7.68 -2.63 16.20
N ASP A 147 -7.40 -3.87 15.82
CA ASP A 147 -7.80 -4.47 14.53
C ASP A 147 -7.72 -3.45 13.40
N ASN A 148 -6.47 -3.01 13.19
CA ASN A 148 -6.14 -1.95 12.23
C ASN A 148 -6.89 -2.10 10.92
N MET A 149 -7.39 -0.98 10.40
CA MET A 149 -8.31 -0.96 9.27
C MET A 149 -7.64 -0.56 7.96
N GLY A 150 -6.31 -0.56 7.90
CA GLY A 150 -5.64 -0.12 6.68
C GLY A 150 -5.90 -1.04 5.50
N GLY A 151 -6.04 -2.34 5.76
CA GLY A 151 -6.33 -3.27 4.68
C GLY A 151 -7.64 -2.97 3.98
N TYR A 152 -8.63 -2.50 4.74
CA TYR A 152 -9.91 -2.14 4.13
C TYR A 152 -9.76 -0.93 3.22
N MET A 153 -8.95 0.06 3.62
CA MET A 153 -8.71 1.19 2.74
C MET A 153 -7.92 0.79 1.49
N SER A 154 -6.98 -0.16 1.64
CA SER A 154 -6.28 -0.67 0.47
C SER A 154 -7.25 -1.36 -0.49
N ALA A 155 -8.16 -2.17 0.05
CA ALA A 155 -9.18 -2.80 -0.77
C ALA A 155 -10.06 -1.75 -1.44
N GLY A 156 -10.36 -0.66 -0.72
CA GLY A 156 -11.13 0.42 -1.32
C GLY A 156 -10.41 1.07 -2.48
N ILE A 157 -9.10 1.26 -2.36
CA ILE A 157 -8.32 1.84 -3.45
C ILE A 157 -8.37 0.94 -4.68
N GLY A 158 -8.14 -0.35 -4.47
CA GLY A 158 -8.19 -1.28 -5.60
C GLY A 158 -9.57 -1.35 -6.23
N ILE A 159 -10.61 -1.36 -5.41
CA ILE A 159 -11.97 -1.38 -5.92
C ILE A 159 -12.27 -0.10 -6.69
N SER A 160 -11.71 1.02 -6.25
CA SER A 160 -11.83 2.27 -7.01
C SER A 160 -11.25 2.09 -8.41
N GLY A 161 -10.05 1.53 -8.49
CA GLY A 161 -9.43 1.33 -9.80
C GLY A 161 -10.28 0.45 -10.71
N VAL A 162 -10.67 -0.73 -10.23
CA VAL A 162 -11.41 -1.65 -11.08
C VAL A 162 -12.80 -1.10 -11.39
N PHE A 163 -13.41 -0.37 -10.45
CA PHE A 163 -14.73 0.20 -10.67
C PHE A 163 -14.69 1.29 -11.73
N ILE A 164 -13.66 2.14 -11.71
CA ILE A 164 -13.51 3.13 -12.76
C ILE A 164 -13.28 2.47 -14.10
N PHE A 165 -12.50 1.39 -14.12
CA PHE A 165 -12.31 0.62 -15.36
C PHE A 165 -13.64 0.13 -15.92
N VAL A 166 -14.45 -0.51 -15.07
CA VAL A 166 -15.72 -1.08 -15.52
C VAL A 166 -16.65 0.03 -15.98
N ILE A 167 -16.68 1.15 -15.26
CA ILE A 167 -17.54 2.26 -15.64
C ILE A 167 -17.11 2.82 -16.99
N ASN A 168 -15.81 2.89 -17.24
CA ASN A 168 -15.33 3.38 -18.53
C ASN A 168 -15.79 2.47 -19.66
N LEU A 169 -15.68 1.15 -19.46
CA LEU A 169 -16.12 0.22 -20.50
C LEU A 169 -17.62 0.28 -20.72
N LEU A 170 -18.42 0.42 -19.66
CA LEU A 170 -19.87 0.53 -19.85
C LEU A 170 -20.24 1.86 -20.50
N LEU A 171 -19.46 2.92 -20.25
CA LEU A 171 -19.76 4.21 -20.86
C LEU A 171 -19.41 4.20 -22.35
N ASP A 172 -18.30 3.56 -22.72
CA ASP A 172 -17.84 3.61 -24.10
C ASP A 172 -18.87 3.07 -25.08
N GLN A 173 -19.78 2.22 -24.60
CA GLN A 173 -20.78 1.64 -25.49
C GLN A 173 -21.89 2.63 -25.82
N PHE A 174 -22.30 3.47 -24.86
CA PHE A 174 -23.49 4.28 -24.99
C PHE A 174 -23.20 5.78 -25.00
N VAL A 175 -21.95 6.17 -25.20
CA VAL A 175 -21.55 7.57 -25.17
C VAL A 175 -20.87 7.94 -26.49
N SER A 176 -21.29 9.06 -27.08
CA SER A 176 -20.70 9.56 -28.30
C SER A 176 -19.32 10.17 -28.03
N PRO A 177 -18.37 10.03 -28.96
CA PRO A 177 -17.01 10.59 -28.78
C PRO A 177 -16.86 12.02 -29.31
N GLU A 178 -17.39 12.98 -28.54
CA GLU A 178 -17.39 14.36 -29.00
C GLU A 178 -16.01 15.01 -28.91
N LYS A 179 -15.28 14.78 -27.82
CA LYS A 179 -13.91 15.24 -27.65
C LYS A 179 -13.82 16.76 -27.80
N HIS A 180 -14.44 17.45 -26.82
CA HIS A 180 -14.52 18.90 -26.89
C HIS A 180 -13.14 19.55 -26.84
N TYR A 181 -12.35 19.21 -25.85
CA TYR A 181 -10.99 19.73 -25.69
C TYR A 181 -9.98 18.60 -25.63
N GLY A 182 -10.16 17.59 -26.49
CA GLY A 182 -9.40 16.37 -26.38
C GLY A 182 -9.91 15.41 -25.33
N VAL A 183 -11.00 15.75 -24.65
CA VAL A 183 -11.62 14.89 -23.64
C VAL A 183 -13.09 14.73 -24.00
N ASN A 184 -13.59 13.50 -23.89
CA ASN A 184 -14.99 13.24 -24.20
C ASN A 184 -15.90 14.03 -23.28
N LYS A 185 -16.97 14.58 -23.84
CA LYS A 185 -17.86 15.45 -23.07
C LYS A 185 -18.74 14.63 -22.11
N ALA A 186 -19.60 13.78 -22.67
CA ALA A 186 -20.54 13.04 -21.84
C ALA A 186 -19.83 12.05 -20.94
N LYS A 187 -18.73 11.47 -21.43
CA LYS A 187 -17.95 10.55 -20.61
C LYS A 187 -17.34 11.26 -19.41
N LEU A 188 -16.81 12.47 -19.61
CA LEU A 188 -16.31 13.25 -18.49
C LEU A 188 -17.42 13.58 -17.51
N LEU A 189 -18.57 14.01 -18.03
CA LEU A 189 -19.69 14.35 -17.14
C LEU A 189 -20.11 13.15 -16.30
N ALA A 190 -20.26 11.99 -16.92
CA ALA A 190 -20.68 10.80 -16.20
C ALA A 190 -19.65 10.38 -15.17
N LEU A 191 -18.37 10.36 -15.56
CA LEU A 191 -17.33 9.94 -14.64
C LEU A 191 -17.25 10.87 -13.43
N TYR A 192 -17.38 12.18 -13.65
CA TYR A 192 -17.25 13.10 -12.52
C TYR A 192 -18.51 13.16 -11.67
N ILE A 193 -19.71 12.94 -12.24
CA ILE A 193 -20.88 12.83 -11.37
C ILE A 193 -20.79 11.57 -10.52
N ILE A 194 -20.25 10.48 -11.09
CA ILE A 194 -20.05 9.26 -10.31
C ILE A 194 -19.05 9.51 -9.19
N CYS A 195 -17.95 10.21 -9.49
CA CYS A 195 -16.97 10.53 -8.46
C CYS A 195 -17.59 11.37 -7.35
N GLU A 196 -18.36 12.40 -7.72
CA GLU A 196 -18.99 13.24 -6.71
C GLU A 196 -19.97 12.44 -5.86
N LEU A 197 -20.76 11.57 -6.49
CA LEU A 197 -21.73 10.77 -5.74
C LEU A 197 -21.05 9.86 -4.74
N CYS A 198 -20.05 9.10 -5.19
CA CYS A 198 -19.35 8.20 -4.28
C CYS A 198 -18.63 8.98 -3.19
N LEU A 199 -18.11 10.15 -3.51
CA LEU A 199 -17.41 10.95 -2.50
C LEU A 199 -18.37 11.50 -1.46
N ILE A 200 -19.55 11.94 -1.87
CA ILE A 200 -20.53 12.44 -0.91
C ILE A 200 -21.01 11.30 -0.01
N LEU A 201 -21.19 10.11 -0.59
CA LEU A 201 -21.54 8.96 0.23
C LEU A 201 -20.44 8.64 1.24
N ALA A 202 -19.18 8.74 0.81
CA ALA A 202 -18.05 8.56 1.72
C ALA A 202 -18.06 9.62 2.81
N ILE A 203 -18.42 10.86 2.48
CA ILE A 203 -18.51 11.92 3.47
C ILE A 203 -19.56 11.58 4.52
N VAL A 204 -20.72 11.10 4.07
CA VAL A 204 -21.78 10.74 4.99
C VAL A 204 -21.30 9.63 5.93
N PHE A 205 -20.64 8.61 5.38
CA PHE A 205 -20.13 7.53 6.21
C PHE A 205 -19.07 8.02 7.19
N CYS A 206 -18.18 8.92 6.74
CA CYS A 206 -17.16 9.46 7.62
C CYS A 206 -17.78 10.20 8.80
N VAL A 207 -18.79 11.03 8.53
CA VAL A 207 -19.42 11.78 9.61
C VAL A 207 -20.15 10.85 10.56
N CYS A 208 -20.84 9.84 10.02
CA CYS A 208 -21.65 8.98 10.87
C CYS A 208 -20.79 8.06 11.73
N ASN A 209 -19.71 7.50 11.19
CA ASN A 209 -19.01 6.44 11.88
C ASN A 209 -17.83 6.93 12.72
N LEU A 210 -16.87 7.62 12.12
CA LEU A 210 -15.64 7.96 12.81
C LEU A 210 -15.87 8.98 13.92
N ASP A 211 -14.95 8.97 14.89
CA ASP A 211 -14.89 9.97 15.95
C ASP A 211 -13.70 10.87 15.67
N LEU A 212 -13.97 12.09 15.21
CA LEU A 212 -12.94 13.02 14.77
C LEU A 212 -12.65 14.11 15.80
N THR A 213 -13.22 14.01 17.00
CA THR A 213 -13.05 15.06 18.01
C THR A 213 -11.59 15.22 18.41
N ASN A 214 -11.02 14.19 19.03
CA ASN A 214 -9.63 14.25 19.48
C ASN A 214 -9.02 12.85 19.58
N ALA A 228 15.96 4.31 24.75
CA ALA A 228 16.87 4.83 23.75
C ALA A 228 16.48 4.35 22.35
N THR A 229 16.76 5.17 21.36
CA THR A 229 16.43 4.84 19.97
C THR A 229 17.62 5.19 19.10
N LEU A 230 17.88 4.33 18.11
CA LEU A 230 18.97 4.52 17.17
C LEU A 230 18.73 5.79 16.35
N SER A 231 19.82 6.46 15.99
CA SER A 231 19.72 7.69 15.20
C SER A 231 19.16 7.39 13.81
N TYR A 232 18.62 8.42 13.15
CA TYR A 232 18.01 8.21 11.85
C TYR A 232 19.03 7.73 10.81
N MET A 233 20.28 8.17 10.93
CA MET A 233 21.32 7.69 10.03
C MET A 233 21.59 6.20 10.25
N GLU A 234 21.57 5.76 11.52
CA GLU A 234 21.78 4.35 11.80
C GLU A 234 20.67 3.49 11.21
N LEU A 235 19.43 3.95 11.31
CA LEU A 235 18.31 3.20 10.74
C LEU A 235 18.39 3.19 9.21
N PHE A 236 18.81 4.30 8.61
CA PHE A 236 18.95 4.36 7.17
C PHE A 236 20.03 3.41 6.67
N LYS A 237 21.13 3.30 7.40
CA LYS A 237 22.23 2.43 6.96
C LYS A 237 21.81 0.97 6.99
N ASP A 238 20.99 0.57 7.97
CA ASP A 238 20.49 -0.80 8.01
C ASP A 238 19.63 -1.10 6.80
N SER A 239 18.50 -0.42 6.68
CA SER A 239 17.55 -0.66 5.61
C SER A 239 17.73 0.35 4.47
N TYR A 240 18.89 0.30 3.83
CA TYR A 240 19.10 1.12 2.65
C TYR A 240 18.70 0.39 1.37
N LYS A 241 18.72 -0.95 1.40
CA LYS A 241 18.25 -1.71 0.24
C LYS A 241 16.74 -1.62 0.10
N ALA A 242 16.02 -1.73 1.22
CA ALA A 242 14.56 -1.65 1.17
C ALA A 242 14.09 -0.30 0.68
N ILE A 243 14.75 0.78 1.12
CA ILE A 243 14.42 2.11 0.62
C ILE A 243 14.75 2.22 -0.85
N LEU A 244 15.91 1.68 -1.26
CA LEU A 244 16.31 1.75 -2.66
C LEU A 244 15.36 0.97 -3.56
N THR A 245 14.95 -0.23 -3.12
CA THR A 245 14.06 -1.04 -3.95
C THR A 245 12.69 -0.41 -4.09
N MET A 246 12.22 0.28 -3.04
CA MET A 246 10.93 0.94 -3.13
C MET A 246 10.97 2.10 -4.11
N PHE A 247 12.09 2.83 -4.15
CA PHE A 247 12.23 3.92 -5.10
C PHE A 247 12.31 3.41 -6.53
N LEU A 248 13.06 2.33 -6.76
CA LEU A 248 13.31 1.86 -8.11
C LEU A 248 12.04 1.40 -8.80
N VAL A 249 11.18 0.68 -8.07
CA VAL A 249 9.98 0.11 -8.69
C VAL A 249 9.01 1.22 -9.10
N ASN A 250 8.85 2.24 -8.26
CA ASN A 250 7.92 3.32 -8.56
C ASN A 250 8.51 4.28 -9.58
N TRP A 251 9.83 4.48 -9.55
CA TRP A 251 10.48 5.38 -10.49
C TRP A 251 10.33 4.89 -11.92
N LEU A 252 10.48 3.58 -12.14
CA LEU A 252 10.41 3.04 -13.49
C LEU A 252 8.98 3.00 -14.00
N THR A 253 8.03 2.62 -13.15
CA THR A 253 6.66 2.43 -13.61
C THR A 253 5.94 3.75 -13.89
N LEU A 254 6.34 4.84 -13.24
CA LEU A 254 5.79 6.15 -13.58
C LEU A 254 6.56 6.83 -14.70
N GLN A 255 7.75 6.34 -15.04
CA GLN A 255 8.41 6.77 -16.27
C GLN A 255 7.55 6.43 -17.47
N LEU A 256 6.95 5.25 -17.45
CA LEU A 256 6.37 4.65 -18.64
C LEU A 256 4.86 4.83 -18.70
N PHE A 257 4.12 4.31 -17.71
CA PHE A 257 2.68 4.06 -17.83
C PHE A 257 1.88 5.28 -18.28
N PRO A 258 1.85 6.40 -17.53
CA PRO A 258 0.97 7.49 -17.96
C PRO A 258 1.52 8.26 -19.14
N GLY A 259 2.83 8.16 -19.40
CA GLY A 259 3.46 8.88 -20.48
C GLY A 259 3.70 8.00 -21.69
N VAL A 260 4.92 7.48 -21.79
CA VAL A 260 5.27 6.58 -22.90
C VAL A 260 4.31 5.40 -22.96
N GLY A 261 3.71 5.06 -21.82
CA GLY A 261 2.87 3.89 -21.71
C GLY A 261 1.70 3.81 -22.66
N HIS A 262 0.72 4.70 -22.52
CA HIS A 262 -0.40 4.66 -23.46
C HIS A 262 -0.60 5.96 -24.22
N LYS A 263 0.23 6.98 -23.97
CA LYS A 263 0.06 8.28 -24.60
C LYS A 263 0.99 8.48 -25.79
N LYS A 264 2.06 7.69 -25.90
CA LYS A 264 2.91 7.73 -27.08
C LYS A 264 2.62 6.61 -28.07
N TRP A 265 2.05 5.49 -27.61
CA TRP A 265 1.55 4.50 -28.55
C TRP A 265 0.34 5.05 -29.31
N GLN A 266 -0.59 5.68 -28.58
CA GLN A 266 -1.76 6.26 -29.23
C GLN A 266 -1.38 7.40 -30.17
N GLU A 267 -0.44 8.25 -29.75
CA GLU A 267 -0.02 9.35 -30.61
C GLU A 267 0.66 8.83 -31.87
N SER A 268 1.36 7.71 -31.79
CA SER A 268 2.10 7.19 -32.93
C SER A 268 1.21 6.33 -33.83
N HIS A 269 0.51 5.36 -33.25
CA HIS A 269 -0.25 4.38 -34.01
C HIS A 269 -1.72 4.78 -34.19
N ASN A 270 -2.12 5.94 -33.70
CA ASN A 270 -3.51 6.40 -33.76
C ASN A 270 -4.44 5.37 -33.15
N ILE A 271 -4.11 4.95 -31.93
CA ILE A 271 -4.93 3.97 -31.21
C ILE A 271 -6.31 4.55 -30.95
N SER A 272 -7.34 3.74 -31.20
CA SER A 272 -8.71 4.21 -31.01
C SER A 272 -8.97 4.52 -29.54
N ASP A 273 -9.87 5.47 -29.31
CA ASP A 273 -10.21 5.86 -27.95
C ASP A 273 -10.87 4.72 -27.18
N TYR A 274 -11.52 3.79 -27.88
CA TYR A 274 -12.09 2.63 -27.20
C TYR A 274 -11.00 1.68 -26.70
N ASN A 275 -9.93 1.52 -27.48
CA ASN A 275 -8.82 0.65 -27.08
C ASN A 275 -7.98 1.25 -25.97
N VAL A 276 -7.93 2.58 -25.85
CA VAL A 276 -7.12 3.21 -24.82
C VAL A 276 -7.62 2.84 -23.44
N THR A 277 -8.94 2.85 -23.24
CA THR A 277 -9.49 2.51 -21.94
C THR A 277 -9.15 1.07 -21.55
N ILE A 278 -9.09 0.18 -22.53
CA ILE A 278 -8.68 -1.19 -22.26
C ILE A 278 -7.21 -1.24 -21.85
N ILE A 279 -6.36 -0.50 -22.58
CA ILE A 279 -4.93 -0.50 -22.28
C ILE A 279 -4.68 0.11 -20.90
N VAL A 280 -5.32 1.24 -20.61
CA VAL A 280 -5.21 1.84 -19.29
C VAL A 280 -5.81 0.92 -18.23
N GLY A 281 -6.90 0.24 -18.58
CA GLY A 281 -7.55 -0.63 -17.61
C GLY A 281 -6.71 -1.82 -17.23
N MET A 282 -5.91 -2.34 -18.17
CA MET A 282 -5.05 -3.48 -17.85
C MET A 282 -4.04 -3.12 -16.77
N PHE A 283 -3.72 -1.83 -16.65
CA PHE A 283 -2.83 -1.40 -15.57
C PHE A 283 -3.57 -1.38 -14.24
N GLN A 284 -4.70 -0.69 -14.19
CA GLN A 284 -5.40 -0.49 -12.92
C GLN A 284 -5.94 -1.79 -12.37
N VAL A 285 -6.35 -2.72 -13.23
CA VAL A 285 -6.84 -4.01 -12.77
C VAL A 285 -5.69 -4.85 -12.21
N PHE A 286 -4.58 -4.91 -12.95
CA PHE A 286 -3.51 -5.82 -12.57
C PHE A 286 -2.63 -5.22 -11.47
N ASP A 287 -2.61 -3.89 -11.34
CA ASP A 287 -1.87 -3.28 -10.24
C ASP A 287 -2.46 -3.69 -8.90
N PHE A 288 -3.79 -3.70 -8.79
CA PHE A 288 -4.43 -4.09 -7.55
C PHE A 288 -4.28 -5.58 -7.29
N LEU A 289 -4.54 -6.41 -8.30
CA LEU A 289 -4.55 -7.86 -8.12
C LEU A 289 -3.18 -8.43 -7.84
N SER A 290 -2.11 -7.67 -8.07
CA SER A 290 -0.76 -8.15 -7.81
C SER A 290 -0.27 -7.82 -6.40
N ARG A 291 -0.97 -6.94 -5.68
CA ARG A 291 -0.59 -6.64 -4.31
C ARG A 291 -0.88 -7.81 -3.38
N TYR A 292 -1.91 -8.59 -3.69
CA TYR A 292 -2.41 -9.59 -2.76
C TYR A 292 -1.54 -10.85 -2.68
N PRO A 293 -1.10 -11.46 -3.77
CA PRO A 293 -0.35 -12.73 -3.66
C PRO A 293 0.88 -12.63 -2.77
N PRO A 294 1.64 -11.53 -2.79
CA PRO A 294 2.74 -11.42 -1.82
C PRO A 294 2.29 -11.48 -0.38
N ASN A 295 1.11 -10.97 -0.06
CA ASN A 295 0.65 -10.96 1.32
C ASN A 295 0.18 -12.34 1.76
N LEU A 296 -0.30 -13.15 0.82
CA LEU A 296 -0.88 -14.45 1.14
C LEU A 296 0.18 -15.54 0.97
N THR A 297 1.28 -15.39 1.72
CA THR A 297 2.37 -16.36 1.65
C THR A 297 2.08 -17.63 2.44
N HIS A 298 1.05 -17.65 3.27
CA HIS A 298 0.69 -18.89 3.96
C HIS A 298 0.08 -19.93 3.03
N ILE A 299 -0.24 -19.54 1.79
CA ILE A 299 -0.72 -20.47 0.78
C ILE A 299 0.48 -21.06 0.07
N LYS A 300 0.39 -22.36 -0.25
CA LYS A 300 1.51 -23.04 -0.90
C LYS A 300 1.82 -22.43 -2.26
N ILE A 301 0.80 -21.92 -2.95
CA ILE A 301 1.00 -21.37 -4.29
C ILE A 301 1.87 -20.11 -4.24
N PHE A 302 1.58 -19.22 -3.29
CA PHE A 302 2.27 -17.94 -3.18
C PHE A 302 3.45 -17.98 -2.22
N LYS A 303 4.07 -19.14 -2.05
CA LYS A 303 5.17 -19.27 -1.10
C LYS A 303 6.37 -18.42 -1.52
N ASN A 304 6.66 -18.37 -2.81
CA ASN A 304 7.86 -17.72 -3.32
C ASN A 304 7.61 -16.29 -3.78
N PHE A 305 6.47 -15.70 -3.47
CA PHE A 305 6.20 -14.34 -3.91
C PHE A 305 6.96 -13.30 -3.09
N THR A 306 7.26 -13.60 -1.83
CA THR A 306 8.16 -12.79 -1.02
C THR A 306 9.46 -13.57 -0.87
N PHE A 307 10.51 -13.10 -1.54
CA PHE A 307 11.74 -13.86 -1.69
C PHE A 307 12.95 -13.23 -1.01
N SER A 308 13.30 -11.98 -1.31
CA SER A 308 14.48 -11.36 -0.71
C SER A 308 14.63 -9.89 -1.07
N LEU A 309 15.67 -9.25 -0.55
CA LEU A 309 16.02 -7.89 -0.93
C LEU A 309 17.15 -7.84 -1.95
N ASN A 310 18.15 -8.71 -1.80
CA ASN A 310 19.21 -8.78 -2.81
C ASN A 310 18.65 -9.26 -4.15
N LYS A 311 17.76 -10.24 -4.12
CA LYS A 311 17.13 -10.70 -5.35
C LYS A 311 16.12 -9.67 -5.86
N LEU A 312 15.58 -8.84 -4.98
CA LEU A 312 14.67 -7.78 -5.43
C LEU A 312 15.43 -6.71 -6.20
N LEU A 313 16.67 -6.42 -5.80
CA LEU A 313 17.47 -5.43 -6.51
C LEU A 313 17.75 -5.87 -7.94
N VAL A 314 18.08 -7.14 -8.15
CA VAL A 314 18.31 -7.64 -9.50
C VAL A 314 16.99 -7.90 -10.22
N ALA A 315 15.88 -8.03 -9.48
CA ALA A 315 14.57 -8.14 -10.11
C ALA A 315 14.08 -6.79 -10.62
N ASN A 316 14.46 -5.70 -9.96
CA ASN A 316 14.14 -4.38 -10.47
C ASN A 316 15.02 -4.01 -11.65
N SER A 317 16.18 -4.65 -11.78
CA SER A 317 17.03 -4.42 -12.93
C SER A 317 16.45 -5.07 -14.18
N LEU A 318 15.81 -6.24 -14.02
CA LEU A 318 15.12 -6.85 -15.15
C LEU A 318 13.91 -6.03 -15.57
N ARG A 319 13.37 -5.22 -14.65
CA ARG A 319 12.29 -4.31 -15.02
C ARG A 319 12.78 -3.23 -15.97
N LEU A 320 14.09 -2.98 -15.99
CA LEU A 320 14.64 -1.98 -16.90
C LEU A 320 14.48 -2.41 -18.35
N LEU A 321 14.29 -3.72 -18.59
CA LEU A 321 14.02 -4.20 -19.94
C LEU A 321 12.65 -3.78 -20.43
N PHE A 322 11.79 -3.27 -19.55
CA PHE A 322 10.51 -2.73 -20.00
C PHE A 322 10.70 -1.47 -20.84
N ILE A 323 11.75 -0.70 -20.56
CA ILE A 323 11.99 0.53 -21.29
C ILE A 323 12.19 0.29 -22.78
N PRO A 324 13.04 -0.65 -23.22
CA PRO A 324 13.08 -0.95 -24.66
C PRO A 324 11.76 -1.46 -25.20
N TRP A 325 11.00 -2.23 -24.40
CA TRP A 325 9.74 -2.76 -24.87
C TRP A 325 8.72 -1.65 -25.12
N PHE A 326 8.62 -0.69 -24.20
CA PHE A 326 7.66 0.39 -24.36
C PHE A 326 8.03 1.30 -25.53
N ILE A 327 9.32 1.53 -25.73
CA ILE A 327 9.75 2.38 -26.83
C ILE A 327 9.47 1.71 -28.17
N LEU A 328 9.69 0.39 -28.25
CA LEU A 328 9.43 -0.32 -29.50
C LEU A 328 7.97 -0.25 -29.89
N ASN A 329 7.06 -0.26 -28.91
CA ASN A 329 5.64 -0.16 -29.22
C ASN A 329 5.29 1.16 -29.87
N ALA A 330 6.15 2.17 -29.74
CA ALA A 330 5.86 3.49 -30.27
C ALA A 330 6.69 3.86 -31.50
N CYS A 331 7.70 3.06 -31.86
CA CYS A 331 8.58 3.43 -32.96
C CYS A 331 8.73 2.34 -34.01
N VAL A 332 7.93 1.27 -33.93
CA VAL A 332 8.00 0.18 -34.90
C VAL A 332 6.61 -0.01 -35.50
N ASP A 333 6.58 -0.39 -36.78
CA ASP A 333 5.37 -0.29 -37.57
C ASP A 333 4.72 -1.62 -37.95
N HIS A 334 5.45 -2.74 -37.91
CA HIS A 334 4.87 -3.99 -38.39
C HIS A 334 3.77 -4.46 -37.44
N PRO A 335 2.85 -5.31 -37.93
CA PRO A 335 1.59 -5.54 -37.19
C PRO A 335 1.75 -6.08 -35.77
N PHE A 336 2.88 -6.70 -35.44
CA PHE A 336 3.04 -7.26 -34.10
C PHE A 336 2.93 -6.17 -33.04
N PHE A 337 3.60 -5.04 -33.25
CA PHE A 337 3.53 -3.95 -32.29
C PHE A 337 2.28 -3.10 -32.45
N LYS A 338 1.67 -3.09 -33.63
CA LYS A 338 0.37 -2.44 -33.84
C LYS A 338 -0.76 -3.39 -33.51
N ASN A 339 -0.71 -3.99 -32.33
CA ASN A 339 -1.67 -4.99 -31.91
C ASN A 339 -2.21 -4.65 -30.53
N ILE A 340 -3.53 -4.70 -30.38
CA ILE A 340 -4.14 -4.40 -29.10
C ILE A 340 -3.84 -5.48 -28.08
N VAL A 341 -3.69 -6.73 -28.54
CA VAL A 341 -3.51 -7.84 -27.61
C VAL A 341 -2.18 -7.71 -26.89
N GLN A 342 -1.09 -7.48 -27.63
CA GLN A 342 0.22 -7.48 -26.99
C GLN A 342 0.46 -6.18 -26.23
N GLN A 343 -0.17 -5.08 -26.66
CA GLN A 343 -0.07 -3.84 -25.90
C GLN A 343 -0.77 -3.98 -24.55
N CYS A 344 -1.89 -4.70 -24.51
CA CYS A 344 -2.53 -5.00 -23.23
C CYS A 344 -1.63 -5.88 -22.37
N VAL A 345 -0.97 -6.87 -22.99
CA VAL A 345 -0.04 -7.71 -22.24
C VAL A 345 1.18 -6.93 -21.82
N CYS A 346 1.67 -6.03 -22.68
CA CYS A 346 2.83 -5.21 -22.37
C CYS A 346 2.60 -4.29 -21.18
N MET A 347 1.35 -3.93 -20.90
CA MET A 347 1.03 -3.12 -19.73
C MET A 347 0.53 -3.94 -18.55
N ALA A 348 -0.07 -5.11 -18.79
CA ALA A 348 -0.42 -6.00 -17.70
C ALA A 348 0.82 -6.50 -16.98
N MET A 349 1.89 -6.80 -17.73
CA MET A 349 3.13 -7.25 -17.12
C MET A 349 3.78 -6.13 -16.32
N LEU A 350 3.74 -4.89 -16.84
CA LEU A 350 4.28 -3.77 -16.10
C LEU A 350 3.48 -3.51 -14.83
N ALA A 351 2.16 -3.61 -14.92
CA ALA A 351 1.32 -3.38 -13.76
C ALA A 351 1.50 -4.48 -12.71
N PHE A 352 1.58 -5.74 -13.16
CA PHE A 352 1.71 -6.84 -12.22
C PHE A 352 3.01 -6.76 -11.44
N THR A 353 4.11 -6.45 -12.13
CA THR A 353 5.40 -6.34 -11.44
C THR A 353 5.45 -5.09 -10.58
N ASN A 354 4.73 -4.04 -10.97
CA ASN A 354 4.72 -2.82 -10.17
C ASN A 354 4.08 -3.07 -8.80
N GLY A 355 2.90 -3.67 -8.79
CA GLY A 355 2.25 -3.96 -7.52
C GLY A 355 2.97 -5.03 -6.73
N TRP A 356 3.47 -6.06 -7.41
CA TRP A 356 4.18 -7.14 -6.73
C TRP A 356 5.42 -6.62 -6.01
N PHE A 357 6.21 -5.78 -6.68
CA PHE A 357 7.47 -5.30 -6.14
C PHE A 357 7.31 -4.10 -5.22
N ASN A 358 6.10 -3.57 -5.07
CA ASN A 358 5.88 -2.51 -4.08
C ASN A 358 5.65 -3.07 -2.69
N THR A 359 5.02 -4.25 -2.60
CA THR A 359 4.70 -4.83 -1.30
C THR A 359 5.84 -5.69 -0.77
N VAL A 360 6.67 -6.25 -1.65
CA VAL A 360 7.72 -7.16 -1.22
C VAL A 360 8.70 -6.51 -0.24
N PRO A 361 9.24 -5.32 -0.50
CA PRO A 361 10.20 -4.75 0.47
C PRO A 361 9.62 -4.55 1.86
N PHE A 362 8.33 -4.28 1.97
CA PHE A 362 7.72 -4.12 3.29
C PHE A 362 7.66 -5.43 4.05
N LEU A 363 7.51 -6.55 3.34
CA LEU A 363 7.31 -7.84 3.98
C LEU A 363 8.60 -8.55 4.34
N VAL A 364 9.75 -8.04 3.88
CA VAL A 364 11.02 -8.71 4.10
C VAL A 364 12.06 -7.82 4.76
N PHE A 365 11.82 -6.51 4.85
CA PHE A 365 12.87 -5.60 5.34
C PHE A 365 13.24 -5.91 6.78
N VAL A 366 12.29 -6.40 7.59
CA VAL A 366 12.60 -6.74 8.97
C VAL A 366 13.49 -7.98 9.05
N LYS A 367 13.49 -8.82 8.02
CA LYS A 367 14.22 -10.07 8.06
C LYS A 367 15.72 -9.86 7.87
N GLU A 368 16.13 -8.83 7.13
CA GLU A 368 17.54 -8.63 6.83
C GLU A 368 18.22 -7.60 7.72
N LEU A 369 17.49 -6.70 8.36
CA LEU A 369 18.10 -5.73 9.25
C LEU A 369 18.68 -6.41 10.49
N LYS A 370 19.75 -5.81 11.03
CA LYS A 370 20.50 -6.42 12.13
C LYS A 370 20.26 -5.74 13.47
N LYS A 371 20.51 -4.43 13.56
CA LYS A 371 20.59 -3.77 14.86
C LYS A 371 19.34 -2.96 15.20
N ALA A 372 18.26 -3.09 14.44
CA ALA A 372 16.99 -2.46 14.78
C ALA A 372 16.12 -3.49 15.48
N LYS A 373 15.78 -3.24 16.75
CA LYS A 373 15.06 -4.23 17.55
C LYS A 373 13.85 -3.69 18.29
N LYS A 374 13.71 -2.37 18.42
CA LYS A 374 12.58 -1.81 19.13
C LYS A 374 11.36 -1.70 18.22
N LYS A 375 10.20 -1.46 18.82
CA LYS A 375 8.97 -1.30 18.06
C LYS A 375 8.93 0.05 17.35
N LYS A 376 9.40 1.11 18.02
CA LYS A 376 9.38 2.44 17.42
C LYS A 376 10.30 2.52 16.22
N GLU A 377 11.47 1.85 16.29
CA GLU A 377 12.43 1.94 15.20
C GLU A 377 11.86 1.36 13.91
N ILE A 378 11.16 0.23 13.99
CA ILE A 378 10.60 -0.38 12.80
C ILE A 378 9.49 0.48 12.22
N GLU A 379 8.72 1.14 13.09
CA GLU A 379 7.72 2.10 12.61
C GLU A 379 8.40 3.27 11.90
N ILE A 380 9.54 3.72 12.42
CA ILE A 380 10.29 4.78 11.76
C ILE A 380 10.81 4.31 10.42
N ILE A 381 11.35 3.09 10.36
CA ILE A 381 11.87 2.55 9.11
C ILE A 381 10.76 2.42 8.07
N SER A 382 9.58 1.95 8.50
CA SER A 382 8.46 1.84 7.58
C SER A 382 8.06 3.21 7.04
N THR A 383 8.28 4.26 7.81
CA THR A 383 8.05 5.62 7.32
C THR A 383 9.05 5.97 6.24
N PHE A 384 10.29 5.51 6.37
CA PHE A 384 11.29 5.75 5.34
C PHE A 384 10.89 5.09 4.02
N LEU A 385 10.28 3.91 4.10
CA LEU A 385 9.92 3.18 2.89
C LEU A 385 8.78 3.87 2.13
N VAL A 386 7.79 4.40 2.86
CA VAL A 386 6.70 5.08 2.19
C VAL A 386 7.17 6.40 1.59
N ILE A 387 8.19 7.01 2.20
CA ILE A 387 8.79 8.20 1.59
C ILE A 387 9.46 7.84 0.27
N ALA A 388 10.15 6.69 0.23
CA ALA A 388 10.77 6.25 -1.01
C ALA A 388 9.74 5.98 -2.09
N MET A 389 8.53 5.54 -1.69
CA MET A 389 7.45 5.39 -2.65
C MET A 389 7.07 6.72 -3.27
N PHE A 390 6.81 7.73 -2.43
CA PHE A 390 6.34 9.02 -2.93
C PHE A 390 7.44 9.73 -3.69
N VAL A 391 8.70 9.62 -3.24
CA VAL A 391 9.81 10.16 -4.01
C VAL A 391 9.94 9.42 -5.32
N GLY A 392 9.67 8.11 -5.33
CA GLY A 392 9.70 7.36 -6.57
C GLY A 392 8.62 7.81 -7.55
N LEU A 393 7.42 8.10 -7.04
CA LEU A 393 6.35 8.57 -7.91
C LEU A 393 6.70 9.93 -8.51
N PHE A 394 7.26 10.83 -7.68
CA PHE A 394 7.59 12.16 -8.17
C PHE A 394 8.71 12.12 -9.20
N CYS A 395 9.79 11.37 -8.90
CA CYS A 395 10.89 11.29 -9.84
C CYS A 395 10.50 10.53 -11.10
N GLY A 396 9.64 9.52 -10.95
CA GLY A 396 9.23 8.76 -12.12
C GLY A 396 8.35 9.56 -13.08
N ILE A 397 7.42 10.33 -12.54
CA ILE A 397 6.49 11.06 -13.40
C ILE A 397 7.18 12.18 -14.15
N TRP A 398 8.20 12.79 -13.56
CA TRP A 398 8.93 13.88 -14.22
C TRP A 398 10.05 13.37 -15.12
N THR A 399 10.38 12.09 -15.05
CA THR A 399 11.38 11.50 -15.94
C THR A 399 10.81 11.15 -17.30
N THR A 400 9.47 11.14 -17.44
CA THR A 400 8.86 10.88 -18.74
C THR A 400 9.27 11.94 -19.76
N TYR A 401 9.55 13.16 -19.31
CA TYR A 401 9.95 14.23 -20.21
C TYR A 401 11.33 13.99 -20.83
N ILE A 402 12.11 13.04 -20.29
CA ILE A 402 13.38 12.70 -20.91
C ILE A 402 13.15 12.10 -22.30
N TYR A 403 12.08 11.32 -22.45
CA TYR A 403 11.79 10.66 -23.72
C TYR A 403 11.31 11.63 -24.79
N ASN A 404 10.98 12.86 -24.44
CA ASN A 404 10.58 13.84 -25.45
C ASN A 404 11.73 14.21 -26.36
N LEU A 405 12.97 14.11 -25.86
CA LEU A 405 14.13 14.46 -26.68
C LEU A 405 14.28 13.51 -27.87
N PHE A 406 14.02 12.23 -27.66
CA PHE A 406 14.19 11.24 -28.72
C PHE A 406 12.99 11.22 -29.65
N ASN A 407 13.26 11.10 -30.95
CA ASN A 407 12.21 11.03 -31.97
C ASN A 407 11.53 9.66 -31.95
N ILE A 408 10.77 9.43 -30.88
CA ILE A 408 10.18 8.11 -30.65
C ILE A 408 8.96 7.92 -31.54
N VAL A 409 7.99 8.84 -31.47
CA VAL A 409 6.73 8.65 -32.17
C VAL A 409 6.93 8.68 -33.67
N LEU A 410 6.09 7.94 -34.39
CA LEU A 410 6.13 7.91 -35.83
C LEU A 410 5.70 9.26 -36.41
N PRO A 411 6.22 9.64 -37.57
CA PRO A 411 5.69 10.82 -38.27
C PRO A 411 4.24 10.61 -38.65
N LYS A 412 3.49 11.71 -38.69
CA LYS A 412 2.07 11.62 -39.05
C LYS A 412 1.83 11.01 -40.42
N PRO A 413 2.59 11.34 -41.49
CA PRO A 413 2.35 10.66 -42.78
C PRO A 413 2.51 9.14 -42.68
N GLN B 1 -9.82 -15.77 10.01
CA GLN B 1 -9.30 -15.28 11.28
C GLN B 1 -7.89 -15.82 11.55
N VAL B 2 -7.22 -15.22 12.52
CA VAL B 2 -5.87 -15.63 12.91
C VAL B 2 -5.94 -16.34 14.25
N GLN B 3 -5.31 -17.50 14.35
CA GLN B 3 -5.35 -18.33 15.53
C GLN B 3 -3.93 -18.56 16.04
N LEU B 4 -3.72 -18.26 17.32
CA LEU B 4 -2.46 -18.53 18.00
C LEU B 4 -2.68 -19.68 18.98
N VAL B 5 -1.95 -20.77 18.78
CA VAL B 5 -2.14 -22.00 19.56
C VAL B 5 -0.90 -22.22 20.40
N GLU B 6 -1.09 -22.42 21.71
CA GLU B 6 0.00 -22.58 22.65
C GLU B 6 -0.09 -23.92 23.37
N SER B 7 1.05 -24.36 23.88
CA SER B 7 1.14 -25.58 24.68
C SER B 7 2.34 -25.48 25.61
N GLY B 8 2.20 -26.00 26.82
CA GLY B 8 3.32 -26.05 27.74
C GLY B 8 3.03 -25.66 29.17
N GLY B 9 1.83 -25.17 29.45
CA GLY B 9 1.50 -24.77 30.80
C GLY B 9 1.45 -25.95 31.75
N GLY B 10 1.67 -25.67 33.02
CA GLY B 10 1.63 -26.72 34.03
C GLY B 10 2.28 -26.27 35.32
N LEU B 11 2.37 -27.21 36.25
CA LEU B 11 3.00 -27.00 37.54
C LEU B 11 4.32 -27.77 37.60
N VAL B 12 5.37 -27.09 38.05
CA VAL B 12 6.71 -27.65 38.07
C VAL B 12 7.35 -27.39 39.42
N GLN B 13 8.07 -28.38 39.93
CA GLN B 13 8.83 -28.20 41.16
C GLN B 13 9.91 -27.15 40.94
N PRO B 14 10.33 -26.46 42.00
CA PRO B 14 11.39 -25.45 41.83
C PRO B 14 12.67 -26.09 41.30
N GLY B 15 13.37 -25.35 40.45
CA GLY B 15 14.55 -25.85 39.78
C GLY B 15 14.30 -26.65 38.53
N GLY B 16 13.04 -26.85 38.15
CA GLY B 16 12.71 -27.61 36.97
C GLY B 16 12.77 -26.78 35.70
N SER B 17 12.11 -27.30 34.67
CA SER B 17 12.14 -26.66 33.35
C SER B 17 10.83 -26.96 32.62
N LEU B 18 10.54 -26.12 31.63
CA LEU B 18 9.37 -26.29 30.78
C LEU B 18 9.73 -25.95 29.34
N ARG B 19 8.80 -26.25 28.44
CA ARG B 19 8.92 -25.90 27.03
C ARG B 19 7.58 -25.36 26.57
N LEU B 20 7.56 -24.11 26.12
CA LEU B 20 6.35 -23.47 25.63
C LEU B 20 6.41 -23.37 24.11
N SER B 21 5.42 -23.94 23.44
CA SER B 21 5.35 -23.96 21.99
C SER B 21 4.16 -23.13 21.54
N CYS B 22 4.36 -22.29 20.53
CA CYS B 22 3.31 -21.44 20.00
C CYS B 22 3.34 -21.47 18.48
N ALA B 23 2.17 -21.50 17.86
CA ALA B 23 2.02 -21.59 16.42
C ALA B 23 0.97 -20.60 15.94
N ALA B 24 1.21 -20.02 14.76
CA ALA B 24 0.32 -19.03 14.16
C ALA B 24 -0.25 -19.61 12.87
N SER B 25 -1.56 -19.43 12.66
CA SER B 25 -2.26 -20.05 11.53
C SER B 25 -2.63 -19.05 10.44
N GLY B 26 -3.35 -17.99 10.77
CA GLY B 26 -3.79 -17.05 9.75
C GLY B 26 -2.72 -16.07 9.31
N PHE B 27 -2.30 -15.20 10.23
CA PHE B 27 -1.26 -14.18 10.02
C PHE B 27 -1.30 -13.60 8.61
N THR B 28 -2.44 -13.00 8.27
CA THR B 28 -2.60 -12.37 6.96
C THR B 28 -1.51 -11.32 6.76
N GLY B 29 -0.68 -11.52 5.74
CA GLY B 29 0.48 -10.69 5.52
C GLY B 29 1.76 -11.38 5.96
N SER B 30 2.79 -10.61 6.28
CA SER B 30 4.02 -11.17 6.80
C SER B 30 3.88 -11.43 8.29
N ILE B 31 4.99 -11.72 8.96
CA ILE B 31 5.03 -11.88 10.40
C ILE B 31 6.41 -11.40 10.87
N ASN B 32 6.43 -10.32 11.65
CA ASN B 32 7.71 -9.69 11.99
C ASN B 32 8.32 -10.32 13.23
N TYR B 33 7.52 -10.50 14.28
CA TYR B 33 8.05 -10.98 15.55
C TYR B 33 7.09 -11.95 16.20
N MET B 34 7.62 -12.85 17.02
CA MET B 34 6.80 -13.69 17.87
C MET B 34 7.46 -13.75 19.24
N GLY B 35 6.69 -13.47 20.29
CA GLY B 35 7.25 -13.34 21.62
C GLY B 35 6.30 -13.88 22.68
N TRP B 36 6.81 -13.90 23.91
CA TRP B 36 6.06 -14.35 25.07
C TRP B 36 6.01 -13.25 26.11
N TYR B 37 4.81 -12.91 26.56
CA TYR B 37 4.59 -11.88 27.58
C TYR B 37 3.97 -12.56 28.79
N ARG B 38 4.65 -12.54 29.93
CA ARG B 38 4.08 -13.17 31.11
C ARG B 38 3.38 -12.12 31.98
N GLN B 39 2.25 -12.53 32.55
CA GLN B 39 1.46 -11.70 33.46
C GLN B 39 1.33 -12.43 34.78
N ALA B 40 1.92 -11.87 35.82
CA ALA B 40 1.82 -12.46 37.15
C ALA B 40 0.42 -12.24 37.71
N PRO B 41 0.01 -13.03 38.72
CA PRO B 41 -1.29 -12.78 39.36
C PRO B 41 -1.37 -11.38 39.97
N GLY B 42 -2.30 -10.58 39.47
CA GLY B 42 -2.43 -9.21 39.93
C GLY B 42 -1.30 -8.29 39.54
N LYS B 43 -0.77 -8.44 38.32
CA LYS B 43 0.25 -7.54 37.79
C LYS B 43 -0.02 -7.33 36.31
N GLN B 44 0.82 -6.51 35.69
CA GLN B 44 0.69 -6.20 34.28
C GLN B 44 1.55 -7.13 33.43
N ARG B 45 1.22 -7.23 32.15
CA ARG B 45 1.99 -8.05 31.22
C ARG B 45 3.40 -7.48 31.07
N GLU B 46 4.37 -8.38 30.99
CA GLU B 46 5.76 -7.97 30.80
C GLU B 46 6.41 -8.89 29.78
N LEU B 47 7.28 -8.33 28.95
CA LEU B 47 7.99 -9.13 27.95
C LEU B 47 8.90 -10.13 28.64
N VAL B 48 9.02 -11.31 28.05
CA VAL B 48 9.92 -12.35 28.51
C VAL B 48 10.95 -12.69 27.45
N ALA B 49 10.51 -12.95 26.21
CA ALA B 49 11.41 -13.22 25.11
C ALA B 49 10.71 -12.83 23.82
N ARG B 50 11.51 -12.55 22.79
CA ARG B 50 10.99 -12.20 21.48
C ARG B 50 11.96 -12.70 20.43
N PHE B 51 11.41 -13.16 19.30
CA PHE B 51 12.19 -13.74 18.21
C PHE B 51 11.71 -13.12 16.91
N SER B 52 12.64 -12.54 16.16
CA SER B 52 12.31 -11.90 14.90
C SER B 52 12.22 -12.94 13.78
N SER B 53 11.75 -12.48 12.62
CA SER B 53 11.75 -13.34 11.44
C SER B 53 13.18 -13.69 11.03
N GLY B 54 14.09 -12.71 11.09
CA GLY B 54 15.48 -12.98 10.78
C GLY B 54 16.16 -13.88 11.80
N GLY B 55 15.91 -13.66 13.08
CA GLY B 55 16.51 -14.48 14.11
C GLY B 55 16.98 -13.71 15.32
N SER B 56 16.80 -12.38 15.31
CA SER B 56 17.22 -11.56 16.43
C SER B 56 16.37 -11.87 17.65
N THR B 57 17.03 -12.02 18.81
CA THR B 57 16.38 -12.42 20.04
C THR B 57 16.43 -11.27 21.05
N ASN B 58 15.29 -10.94 21.62
CA ASN B 58 15.17 -10.00 22.73
C ASN B 58 14.81 -10.76 23.99
N TYR B 59 15.34 -10.32 25.12
CA TYR B 59 15.11 -10.98 26.38
C TYR B 59 14.82 -9.95 27.47
N ALA B 60 14.16 -10.40 28.53
CA ALA B 60 14.01 -9.60 29.74
C ALA B 60 15.08 -10.01 30.74
N ASP B 61 15.71 -9.01 31.36
CA ASP B 61 16.84 -9.28 32.24
C ASP B 61 16.45 -10.09 33.47
N SER B 62 15.16 -10.17 33.78
CA SER B 62 14.73 -11.05 34.88
C SER B 62 15.04 -12.51 34.55
N VAL B 63 14.80 -12.91 33.30
CA VAL B 63 15.01 -14.29 32.86
C VAL B 63 16.29 -14.43 32.05
N LYS B 64 17.16 -13.43 32.07
CA LYS B 64 18.39 -13.48 31.28
C LYS B 64 19.26 -14.64 31.72
N GLY B 65 19.72 -15.42 30.74
CA GLY B 65 20.57 -16.56 31.00
C GLY B 65 19.82 -17.82 31.42
N ARG B 66 18.50 -17.76 31.54
CA ARG B 66 17.70 -18.92 31.93
C ARG B 66 16.83 -19.42 30.79
N PHE B 67 16.02 -18.55 30.19
CA PHE B 67 15.08 -18.94 29.14
C PHE B 67 15.74 -18.74 27.79
N THR B 68 15.56 -19.71 26.91
CA THR B 68 16.13 -19.67 25.56
C THR B 68 14.99 -19.79 24.56
N ILE B 69 14.91 -18.84 23.64
CA ILE B 69 13.86 -18.82 22.63
C ILE B 69 14.43 -19.32 21.31
N SER B 70 13.69 -20.22 20.66
CA SER B 70 14.02 -20.76 19.36
C SER B 70 12.86 -20.47 18.42
N GLY B 71 13.13 -20.39 17.13
CA GLY B 71 12.12 -19.98 16.17
C GLY B 71 12.07 -20.89 14.95
N ASP B 72 10.99 -20.73 14.21
CA ASP B 72 10.81 -21.36 12.91
C ASP B 72 10.10 -20.36 12.01
N ASN B 73 10.33 -20.48 10.70
CA ASN B 73 9.74 -19.57 9.74
C ASN B 73 8.85 -20.26 8.71
N ALA B 74 9.18 -21.49 8.32
CA ALA B 74 8.29 -22.23 7.44
C ALA B 74 6.97 -22.54 8.12
N LYS B 75 7.02 -22.90 9.41
CA LYS B 75 5.82 -23.18 10.19
C LYS B 75 5.40 -22.02 11.09
N ASN B 76 6.25 -21.00 11.22
CA ASN B 76 5.98 -19.84 12.09
C ASN B 76 5.68 -20.29 13.52
N THR B 77 6.44 -21.27 14.00
CA THR B 77 6.32 -21.77 15.35
C THR B 77 7.50 -21.28 16.18
N VAL B 78 7.21 -20.84 17.40
CA VAL B 78 8.23 -20.36 18.32
C VAL B 78 8.22 -21.24 19.57
N TYR B 79 9.41 -21.65 20.00
CA TYR B 79 9.57 -22.48 21.18
C TYR B 79 10.35 -21.69 22.22
N LEU B 80 10.08 -21.98 23.49
CA LEU B 80 10.77 -21.32 24.60
C LEU B 80 11.11 -22.39 25.62
N GLN B 81 12.39 -22.73 25.70
CA GLN B 81 12.88 -23.67 26.71
C GLN B 81 13.27 -22.87 27.95
N MET B 82 12.54 -23.07 29.04
CA MET B 82 12.67 -22.25 30.23
C MET B 82 13.23 -23.08 31.37
N ASN B 83 14.38 -22.65 31.89
CA ASN B 83 15.23 -23.48 32.75
C ASN B 83 15.45 -22.80 34.08
N SER B 84 15.98 -23.59 35.03
CA SER B 84 16.37 -23.11 36.35
C SER B 84 15.22 -22.34 37.02
N LEU B 85 14.04 -22.96 37.01
CA LEU B 85 12.85 -22.27 37.49
C LEU B 85 12.90 -22.05 38.99
N LYS B 86 12.31 -20.94 39.41
CA LYS B 86 12.15 -20.54 40.80
C LYS B 86 10.73 -20.00 40.98
N PRO B 87 10.22 -19.97 42.22
CA PRO B 87 8.79 -19.68 42.43
C PRO B 87 8.32 -18.35 41.85
N GLU B 88 9.19 -17.36 41.69
CA GLU B 88 8.74 -16.05 41.24
C GLU B 88 8.43 -15.99 39.75
N ASP B 89 8.54 -17.11 39.02
CA ASP B 89 8.20 -17.14 37.60
C ASP B 89 6.77 -17.58 37.34
N THR B 90 5.97 -17.85 38.37
CA THR B 90 4.60 -18.28 38.14
C THR B 90 3.77 -17.14 37.57
N ALA B 91 3.05 -17.42 36.48
CA ALA B 91 2.31 -16.39 35.76
C ALA B 91 1.41 -17.07 34.73
N VAL B 92 0.82 -16.26 33.86
CA VAL B 92 0.16 -16.74 32.66
C VAL B 92 0.91 -16.16 31.47
N TYR B 93 1.31 -17.01 30.54
CA TYR B 93 2.17 -16.63 29.43
C TYR B 93 1.32 -16.46 28.18
N TYR B 94 1.47 -15.31 27.52
CA TYR B 94 0.68 -14.93 26.36
C TYR B 94 1.58 -14.92 25.15
N CYS B 95 1.21 -15.66 24.11
CA CYS B 95 1.96 -15.62 22.86
C CYS B 95 1.50 -14.44 22.02
N ASN B 96 2.46 -13.65 21.55
CA ASN B 96 2.18 -12.45 20.79
C ASN B 96 2.87 -12.54 19.43
N ALA B 97 2.14 -12.18 18.38
CA ALA B 97 2.68 -12.17 17.03
C ALA B 97 2.45 -10.81 16.41
N GLU B 98 3.54 -10.18 15.96
CA GLU B 98 3.50 -8.86 15.35
C GLU B 98 3.78 -9.01 13.86
N THR B 99 2.86 -8.50 13.03
CA THR B 99 2.87 -8.74 11.59
C THR B 99 2.87 -7.42 10.83
N ILE B 100 2.77 -7.53 9.51
CA ILE B 100 2.73 -6.39 8.60
C ILE B 100 2.18 -6.86 7.26
N SER B 101 1.33 -6.03 6.63
CA SER B 101 0.69 -6.43 5.38
C SER B 101 1.08 -5.52 4.20
N TYR B 102 0.81 -4.22 4.27
CA TYR B 102 1.06 -3.28 3.17
C TYR B 102 0.55 -3.83 1.83
N VAL B 103 -0.78 -3.88 1.72
CA VAL B 103 -1.37 -4.05 0.40
C VAL B 103 -1.28 -2.75 -0.39
N TYR B 104 -1.81 -1.66 0.18
CA TYR B 104 -1.59 -0.32 -0.33
C TYR B 104 -1.06 0.65 0.73
N THR B 105 -1.14 0.31 2.01
CA THR B 105 -0.61 1.12 3.08
C THR B 105 -0.10 0.22 4.19
N VAL B 106 0.94 0.66 4.89
CA VAL B 106 1.57 -0.18 5.90
C VAL B 106 0.66 -0.30 7.12
N VAL B 107 0.49 -1.53 7.60
CA VAL B 107 -0.30 -1.81 8.79
C VAL B 107 0.50 -2.74 9.69
N PHE B 108 0.50 -2.44 10.98
CA PHE B 108 1.13 -3.27 12.00
C PHE B 108 0.04 -3.83 12.90
N GLN B 109 -0.03 -5.15 13.00
CA GLN B 109 -1.09 -5.81 13.75
C GLN B 109 -0.48 -6.82 14.71
N ASP B 110 -0.98 -6.83 15.94
CA ASP B 110 -0.53 -7.76 16.97
C ASP B 110 -1.67 -8.71 17.34
N TYR B 111 -1.36 -10.00 17.34
CA TYR B 111 -2.31 -11.03 17.73
C TYR B 111 -1.83 -11.70 19.00
N TRP B 112 -2.71 -11.78 19.99
CA TRP B 112 -2.37 -12.33 21.30
C TRP B 112 -3.05 -13.68 21.49
N GLY B 113 -2.30 -14.63 22.02
CA GLY B 113 -2.84 -15.95 22.32
C GLY B 113 -3.61 -15.99 23.62
N GLN B 114 -4.27 -17.12 23.85
CA GLN B 114 -5.09 -17.27 25.05
C GLN B 114 -4.24 -17.21 26.31
N GLY B 115 -3.08 -17.87 26.32
CA GLY B 115 -2.22 -17.85 27.47
C GLY B 115 -2.24 -19.14 28.28
N THR B 116 -1.07 -19.63 28.65
CA THR B 116 -0.94 -20.86 29.41
C THR B 116 -0.50 -20.54 30.83
N GLN B 117 -1.14 -21.18 31.81
CA GLN B 117 -0.76 -20.99 33.21
C GLN B 117 0.50 -21.80 33.52
N VAL B 118 1.48 -21.13 34.13
CA VAL B 118 2.72 -21.78 34.55
C VAL B 118 2.90 -21.50 36.04
N THR B 119 2.99 -22.56 36.84
CA THR B 119 3.10 -22.44 38.28
C THR B 119 4.32 -23.20 38.77
N VAL B 120 5.03 -22.60 39.73
CA VAL B 120 6.18 -23.21 40.37
C VAL B 120 5.94 -23.15 41.88
N SER B 121 5.84 -24.31 42.51
CA SER B 121 5.52 -24.37 43.94
C SER B 121 5.84 -25.77 44.44
N SER B 122 5.45 -26.04 45.68
CA SER B 122 5.63 -27.34 46.33
C SER B 122 7.09 -27.77 46.40
#